data_6ZFF
#
_entry.id   6ZFF
#
_cell.length_a   128.300
_cell.length_b   128.300
_cell.length_c   74.120
_cell.angle_alpha   90.000
_cell.angle_beta   90.000
_cell.angle_gamma   90.000
#
_symmetry.space_group_name_H-M   'I 41'
#
loop_
_entity.id
_entity.type
_entity.pdbx_description
1 polymer 'DNA double-strand break repair Rad50 ATPase'
2 non-polymer 'ZINC ION'
3 water water
#
_entity_poly.entity_id   1
_entity_poly.type   'polypeptide(L)'
_entity_poly.pdbx_seq_one_letter_code
;MENLRQLKEKLGDKSPEDIKKLLEELETKKTTIEEERNEITQRIGELKNKIGDLKTAIEELKKAKGKCPVCGRELTDEHR
EELLSKYHLDLNNSKNTLAKLIDRKSELERELRRIDMEIKRLTPLLTVAEQIRSIEEELN
;
_entity_poly.pdbx_strand_id   A,B
#
# COMPACT_ATOMS: atom_id res chain seq x y z
N GLU A 9 42.94 17.59 2.26
CA GLU A 9 41.54 17.18 2.29
C GLU A 9 41.00 17.05 3.72
N LYS A 10 40.02 17.88 4.07
CA LYS A 10 39.37 17.81 5.38
C LYS A 10 38.12 16.95 5.22
N LEU A 11 38.24 15.67 5.62
CA LEU A 11 37.14 14.72 5.47
C LEU A 11 36.10 14.94 6.58
N GLY A 12 34.84 15.08 6.18
CA GLY A 12 33.74 15.16 7.11
C GLY A 12 33.05 13.82 7.19
N ASP A 13 32.99 13.27 8.41
CA ASP A 13 32.38 11.98 8.73
C ASP A 13 33.29 10.84 8.25
N LYS A 14 32.86 10.02 7.30
CA LYS A 14 33.63 8.82 6.93
C LYS A 14 33.57 8.56 5.42
N SER A 15 33.89 7.32 5.04
CA SER A 15 34.44 6.98 3.73
C SER A 15 33.34 6.65 2.74
N PRO A 16 33.68 6.52 1.45
CA PRO A 16 32.64 6.16 0.46
C PRO A 16 32.03 4.78 0.63
N GLU A 17 32.71 3.82 1.26
CA GLU A 17 32.05 2.54 1.51
C GLU A 17 31.27 2.49 2.80
N ASP A 18 31.51 3.42 3.73
CA ASP A 18 30.61 3.52 4.88
C ASP A 18 29.21 3.94 4.44
N ILE A 19 29.11 4.73 3.38
CA ILE A 19 27.81 5.28 3.02
C ILE A 19 27.16 4.54 1.85
N LYS A 20 27.93 3.82 1.04
CA LYS A 20 27.30 2.80 0.21
C LYS A 20 26.56 1.79 1.09
N LYS A 21 27.11 1.50 2.27
CA LYS A 21 26.54 0.51 3.18
C LYS A 21 25.34 1.06 3.95
N LEU A 22 25.40 2.33 4.35
CA LEU A 22 24.25 2.95 4.99
C LEU A 22 23.08 3.09 4.02
N LEU A 23 23.36 3.19 2.73
CA LEU A 23 22.27 3.22 1.76
C LEU A 23 21.69 1.81 1.58
N GLU A 24 22.56 0.80 1.49
CA GLU A 24 22.06 -0.57 1.47
C GLU A 24 21.19 -0.84 2.68
N GLU A 25 21.59 -0.34 3.85
CA GLU A 25 20.86 -0.61 5.08
C GLU A 25 19.48 0.04 5.04
N LEU A 26 19.40 1.26 4.51
CA LEU A 26 18.12 1.93 4.45
C LEU A 26 17.20 1.27 3.43
N GLU A 27 17.76 0.85 2.29
CA GLU A 27 16.94 0.23 1.26
C GLU A 27 16.34 -1.07 1.74
N THR A 28 17.07 -1.78 2.59
CA THR A 28 16.56 -2.96 3.26
C THR A 28 15.37 -2.59 4.13
N LYS A 29 15.52 -1.54 4.93
CA LYS A 29 14.45 -1.13 5.82
C LYS A 29 13.23 -0.69 5.00
N LYS A 30 13.46 0.02 3.90
CA LYS A 30 12.38 0.42 3.03
C LYS A 30 11.58 -0.78 2.51
N THR A 31 12.27 -1.88 2.17
CA THR A 31 11.55 -3.02 1.62
C THR A 31 10.63 -3.63 2.66
N THR A 32 11.16 -3.95 3.84
CA THR A 32 10.35 -4.67 4.81
C THR A 32 9.21 -3.83 5.35
N ILE A 33 9.34 -2.50 5.34
CA ILE A 33 8.30 -1.66 5.91
C ILE A 33 7.21 -1.41 4.88
N GLU A 34 7.60 -1.14 3.63
CA GLU A 34 6.60 -1.00 2.56
C GLU A 34 5.72 -2.22 2.50
N GLU A 35 6.32 -3.38 2.73
CA GLU A 35 5.59 -4.63 2.75
C GLU A 35 4.58 -4.66 3.88
N GLU A 36 4.98 -4.24 5.06
CA GLU A 36 4.07 -4.25 6.20
C GLU A 36 2.97 -3.20 6.04
N ARG A 37 3.32 -2.01 5.54
CA ARG A 37 2.34 -0.97 5.23
C ARG A 37 1.32 -1.50 4.25
N ASN A 38 1.77 -2.17 3.19
CA ASN A 38 0.86 -2.78 2.24
C ASN A 38 -0.05 -3.80 2.90
N GLU A 39 0.47 -4.63 3.80
CA GLU A 39 -0.35 -5.66 4.45
C GLU A 39 -1.38 -5.05 5.39
N ILE A 40 -0.93 -4.19 6.30
CA ILE A 40 -1.85 -3.47 7.16
C ILE A 40 -2.94 -2.78 6.35
N THR A 41 -2.55 -2.06 5.29
CA THR A 41 -3.55 -1.46 4.40
C THR A 41 -4.64 -2.46 4.03
N GLN A 42 -4.27 -3.72 3.75
CA GLN A 42 -5.32 -4.64 3.34
C GLN A 42 -6.10 -5.12 4.55
N ARG A 43 -5.42 -5.33 5.67
CA ARG A 43 -6.14 -5.69 6.89
C ARG A 43 -7.03 -4.54 7.38
N ILE A 44 -6.64 -3.29 7.12
CA ILE A 44 -7.51 -2.19 7.48
C ILE A 44 -8.77 -2.25 6.64
N GLY A 45 -8.68 -2.80 5.44
CA GLY A 45 -9.86 -2.86 4.60
C GLY A 45 -10.83 -3.93 5.04
N GLU A 46 -10.30 -5.06 5.53
CA GLU A 46 -11.15 -6.11 6.07
C GLU A 46 -11.94 -5.61 7.25
N LEU A 47 -11.26 -4.94 8.18
CA LEU A 47 -11.95 -4.44 9.36
C LEU A 47 -13.02 -3.43 9.01
N LYS A 48 -12.71 -2.48 8.14
CA LYS A 48 -13.69 -1.47 7.77
C LYS A 48 -14.95 -2.11 7.18
N ASN A 49 -14.79 -3.16 6.41
CA ASN A 49 -15.94 -3.85 5.85
C ASN A 49 -16.74 -4.58 6.92
N LYS A 50 -16.06 -5.42 7.70
CA LYS A 50 -16.64 -6.05 8.89
C LYS A 50 -17.43 -5.03 9.71
N ILE A 51 -16.76 -3.97 10.13
CA ILE A 51 -17.42 -2.94 10.93
C ILE A 51 -18.59 -2.32 10.19
N GLY A 52 -18.50 -2.23 8.86
CA GLY A 52 -19.61 -1.69 8.11
C GLY A 52 -20.84 -2.57 8.21
N ASP A 53 -20.65 -3.88 8.02
CA ASP A 53 -21.77 -4.81 8.07
C ASP A 53 -22.35 -4.91 9.48
N LEU A 54 -21.51 -4.88 10.51
CA LEU A 54 -22.03 -4.93 11.87
C LEU A 54 -22.90 -3.73 12.19
N LYS A 55 -22.49 -2.53 11.78
CA LYS A 55 -23.35 -1.37 11.97
C LYS A 55 -24.70 -1.59 11.31
N THR A 56 -24.71 -2.07 10.06
CA THR A 56 -25.95 -2.20 9.31
C THR A 56 -26.64 -3.53 9.56
N ALA A 57 -26.23 -4.26 10.58
CA ALA A 57 -27.06 -5.33 11.10
C ALA A 57 -27.61 -5.00 12.47
N ILE A 58 -26.92 -4.16 13.24
CA ILE A 58 -27.48 -3.60 14.47
C ILE A 58 -28.64 -2.68 14.14
N GLU A 59 -28.53 -1.93 13.05
CA GLU A 59 -29.67 -1.22 12.47
C GLU A 59 -30.80 -2.19 12.18
N GLU A 60 -30.55 -3.20 11.34
CA GLU A 60 -31.60 -3.99 10.74
C GLU A 60 -32.40 -4.84 11.72
N LEU A 61 -32.00 -4.92 12.98
CA LEU A 61 -32.84 -5.59 13.97
C LEU A 61 -33.37 -4.62 15.03
N LYS A 62 -32.88 -3.39 15.07
CA LYS A 62 -33.34 -2.42 16.05
C LYS A 62 -34.80 -2.03 15.74
N LYS A 63 -35.53 -1.69 16.81
CA LYS A 63 -36.90 -1.18 16.80
C LYS A 63 -37.95 -2.25 16.52
N ALA A 64 -37.76 -3.45 17.10
CA ALA A 64 -38.72 -4.56 16.99
C ALA A 64 -39.11 -4.85 15.54
N CYS A 71 -33.23 -13.63 7.35
CA CYS A 71 -33.97 -13.45 8.60
C CYS A 71 -34.30 -11.98 8.79
N GLY A 72 -34.18 -11.51 10.02
CA GLY A 72 -34.58 -10.15 10.32
C GLY A 72 -36.02 -10.00 10.73
N ARG A 73 -36.65 -11.05 11.27
CA ARG A 73 -37.97 -10.98 11.88
C ARG A 73 -37.83 -10.83 13.39
N GLU A 74 -38.78 -10.15 14.01
CA GLU A 74 -38.61 -9.71 15.40
C GLU A 74 -38.47 -10.90 16.36
N LEU A 75 -39.27 -11.95 16.17
CA LEU A 75 -39.34 -13.14 17.02
C LEU A 75 -39.17 -12.85 18.51
N THR A 76 -38.68 -13.84 19.25
CA THR A 76 -38.45 -13.73 20.69
C THR A 76 -37.51 -12.58 21.07
N ASP A 77 -38.10 -11.47 21.52
CA ASP A 77 -37.36 -10.29 21.97
C ASP A 77 -36.57 -10.52 23.23
N GLU A 78 -36.69 -11.67 23.89
CA GLU A 78 -36.01 -11.87 25.15
C GLU A 78 -34.58 -12.40 25.00
N HIS A 79 -34.16 -12.79 23.79
CA HIS A 79 -32.74 -12.98 23.52
C HIS A 79 -32.23 -12.03 22.44
N ARG A 80 -33.14 -11.33 21.74
CA ARG A 80 -32.77 -10.38 20.69
C ARG A 80 -32.03 -9.17 21.23
N GLU A 81 -31.79 -9.07 22.54
CA GLU A 81 -30.87 -8.07 23.07
C GLU A 81 -29.61 -8.69 23.66
N GLU A 82 -29.56 -10.01 23.82
CA GLU A 82 -28.25 -10.65 23.90
C GLU A 82 -27.50 -10.52 22.59
N LEU A 83 -28.24 -10.48 21.48
CA LEU A 83 -27.63 -10.36 20.16
C LEU A 83 -27.12 -8.94 19.90
N LEU A 84 -27.72 -7.94 20.54
CA LEU A 84 -27.11 -6.62 20.55
C LEU A 84 -25.85 -6.60 21.40
N SER A 85 -25.89 -7.25 22.57
CA SER A 85 -24.67 -7.33 23.36
C SER A 85 -23.61 -8.19 22.69
N LYS A 86 -24.01 -9.08 21.77
CA LYS A 86 -23.03 -9.75 20.91
C LYS A 86 -22.47 -8.79 19.89
N TYR A 87 -23.35 -8.15 19.12
CA TYR A 87 -22.89 -7.27 18.06
C TYR A 87 -22.06 -6.12 18.60
N HIS A 88 -22.57 -5.40 19.60
CA HIS A 88 -21.79 -4.35 20.23
C HIS A 88 -20.40 -4.85 20.64
N LEU A 89 -20.32 -6.03 21.24
CA LEU A 89 -19.03 -6.56 21.60
C LEU A 89 -18.18 -6.81 20.36
N ASP A 90 -18.79 -7.36 19.31
CA ASP A 90 -18.03 -7.66 18.10
C ASP A 90 -17.69 -6.35 17.38
N LEU A 91 -18.56 -5.36 17.51
CA LEU A 91 -18.31 -4.02 16.97
C LEU A 91 -17.13 -3.40 17.69
N ASN A 92 -17.28 -3.11 19.00
CA ASN A 92 -16.20 -2.42 19.72
C ASN A 92 -14.87 -3.13 19.54
N ASN A 93 -14.85 -4.44 19.73
CA ASN A 93 -13.60 -5.18 19.56
C ASN A 93 -12.97 -4.87 18.21
N SER A 94 -13.76 -4.86 17.16
CA SER A 94 -13.23 -4.56 15.83
C SER A 94 -12.74 -3.11 15.74
N LYS A 95 -13.55 -2.15 16.22
CA LYS A 95 -13.12 -0.76 16.23
C LYS A 95 -11.81 -0.60 16.99
N ASN A 96 -11.66 -1.31 18.12
CA ASN A 96 -10.39 -1.28 18.86
C ASN A 96 -9.23 -1.74 17.99
N THR A 97 -9.39 -2.90 17.35
CA THR A 97 -8.37 -3.42 16.44
C THR A 97 -8.00 -2.40 15.38
N LEU A 98 -9.02 -1.89 14.67
CA LEU A 98 -8.82 -0.98 13.56
C LEU A 98 -8.00 0.21 13.97
N ALA A 99 -8.30 0.76 15.16
CA ALA A 99 -7.61 1.97 15.58
C ALA A 99 -6.12 1.71 15.74
N LYS A 100 -5.75 0.55 16.30
CA LYS A 100 -4.34 0.22 16.46
C LYS A 100 -3.66 0.03 15.09
N LEU A 101 -4.37 -0.57 14.13
CA LEU A 101 -3.82 -0.70 12.78
C LEU A 101 -3.69 0.64 12.06
N ILE A 102 -4.67 1.53 12.18
CA ILE A 102 -4.54 2.85 11.54
C ILE A 102 -3.35 3.60 12.14
N ASP A 103 -3.17 3.53 13.47
CA ASP A 103 -2.02 4.19 14.09
C ASP A 103 -0.71 3.57 13.63
N ARG A 104 -0.64 2.24 13.55
CA ARG A 104 0.56 1.60 13.07
C ARG A 104 0.83 1.91 11.60
N LYS A 105 -0.22 2.03 10.79
CA LYS A 105 0.02 2.38 9.40
C LYS A 105 0.69 3.74 9.25
N SER A 106 0.36 4.71 10.09
CA SER A 106 1.05 6.00 9.92
C SER A 106 2.38 6.06 10.65
N GLU A 107 2.61 5.18 11.63
CA GLU A 107 3.95 5.02 12.15
C GLU A 107 4.87 4.50 11.06
N LEU A 108 4.41 3.50 10.29
CA LEU A 108 5.16 3.04 9.13
C LEU A 108 5.32 4.15 8.08
N GLU A 109 4.28 4.91 7.80
CA GLU A 109 4.43 5.98 6.82
C GLU A 109 5.40 7.07 7.29
N ARG A 110 5.53 7.25 8.61
CA ARG A 110 6.54 8.16 9.14
C ARG A 110 7.95 7.62 8.92
N GLU A 111 8.22 6.40 9.40
CA GLU A 111 9.53 5.74 9.16
C GLU A 111 9.94 5.81 7.70
N LEU A 112 9.00 5.51 6.79
CA LEU A 112 9.34 5.54 5.38
C LEU A 112 9.76 6.92 4.94
N ARG A 113 9.09 7.96 5.45
CA ARG A 113 9.43 9.33 5.10
C ARG A 113 10.83 9.68 5.60
N ARG A 114 11.06 9.51 6.91
CA ARG A 114 12.41 9.53 7.47
C ARG A 114 13.42 8.80 6.60
N ILE A 115 13.13 7.55 6.21
CA ILE A 115 14.07 6.78 5.38
C ILE A 115 14.31 7.48 4.04
N ASP A 116 13.24 7.93 3.39
CA ASP A 116 13.41 8.53 2.06
C ASP A 116 14.30 9.76 2.12
N MET A 117 14.15 10.56 3.18
CA MET A 117 14.99 11.74 3.34
C MET A 117 16.45 11.34 3.48
N GLU A 118 16.74 10.43 4.41
CA GLU A 118 18.13 10.04 4.61
C GLU A 118 18.80 9.55 3.32
N ILE A 119 18.07 8.80 2.49
CA ILE A 119 18.60 8.46 1.17
C ILE A 119 18.82 9.73 0.35
N LYS A 120 17.81 10.61 0.30
CA LYS A 120 17.95 11.87 -0.42
C LYS A 120 19.16 12.65 0.08
N ARG A 121 19.42 12.63 1.39
CA ARG A 121 20.59 13.31 1.89
C ARG A 121 21.86 12.59 1.45
N LEU A 122 21.95 11.27 1.67
CA LEU A 122 23.20 10.55 1.51
C LEU A 122 23.63 10.42 0.07
N THR A 123 22.70 10.36 -0.87
CA THR A 123 23.09 10.06 -2.25
C THR A 123 24.00 11.12 -2.86
N PRO A 124 23.79 12.43 -2.68
CA PRO A 124 24.84 13.38 -3.08
C PRO A 124 26.11 13.21 -2.26
N LEU A 125 26.01 13.04 -0.94
CA LEU A 125 27.16 12.75 -0.11
C LEU A 125 27.95 11.55 -0.60
N LEU A 126 27.35 10.69 -1.42
CA LEU A 126 28.10 9.59 -2.00
C LEU A 126 29.03 10.10 -3.10
N THR A 127 28.50 10.86 -4.05
CA THR A 127 29.37 11.41 -5.09
C THR A 127 30.39 12.38 -4.53
N VAL A 128 30.16 12.94 -3.34
CA VAL A 128 31.13 13.83 -2.71
C VAL A 128 32.26 13.04 -2.06
N ALA A 129 31.93 11.99 -1.32
CA ALA A 129 32.98 11.09 -0.84
C ALA A 129 33.63 10.33 -2.01
N GLU A 130 32.93 10.21 -3.14
CA GLU A 130 33.56 9.66 -4.35
C GLU A 130 34.65 10.58 -4.86
N GLN A 131 34.42 11.89 -4.80
CA GLN A 131 35.36 12.86 -5.33
C GLN A 131 36.55 13.09 -4.41
N ILE A 132 36.32 13.15 -3.10
CA ILE A 132 37.45 13.22 -2.17
C ILE A 132 38.38 12.02 -2.35
N ARG A 133 37.82 10.84 -2.60
CA ARG A 133 38.69 9.69 -2.81
C ARG A 133 39.41 9.81 -4.15
N SER A 134 38.71 10.29 -5.19
CA SER A 134 39.34 10.48 -6.49
C SER A 134 40.54 11.44 -6.40
N ILE A 135 40.44 12.46 -5.55
CA ILE A 135 41.55 13.39 -5.34
C ILE A 135 42.72 12.66 -4.70
N GLU A 136 42.52 12.07 -3.52
CA GLU A 136 43.58 11.34 -2.83
C GLU A 136 44.26 10.31 -3.72
N GLU A 137 43.58 9.88 -4.80
CA GLU A 137 44.23 9.04 -5.80
C GLU A 137 45.35 9.77 -6.50
N GLU A 138 45.11 11.03 -6.88
CA GLU A 138 46.09 11.75 -7.68
C GLU A 138 47.28 12.23 -6.85
N LEU A 139 47.08 12.53 -5.56
CA LEU A 139 48.20 12.76 -4.64
C LEU A 139 49.24 11.65 -4.75
N ASN A 140 48.87 10.42 -4.37
CA ASN A 140 49.78 9.29 -4.43
C ASN A 140 49.83 8.68 -5.82
N LYS B 10 29.00 12.36 -31.32
CA LYS B 10 27.70 13.00 -31.15
C LYS B 10 27.21 12.88 -29.72
N LEU B 11 26.84 14.03 -29.13
CA LEU B 11 26.39 14.08 -27.75
C LEU B 11 25.18 13.17 -27.54
N GLY B 12 25.08 12.63 -26.31
CA GLY B 12 23.89 11.94 -25.86
C GLY B 12 22.67 12.76 -26.20
N ASP B 13 21.67 12.13 -26.80
CA ASP B 13 20.68 12.83 -27.62
C ASP B 13 19.88 13.93 -26.92
N LYS B 14 19.94 14.09 -25.58
CA LYS B 14 19.19 15.15 -24.91
C LYS B 14 20.02 15.84 -23.83
N SER B 15 19.47 16.99 -23.31
CA SER B 15 20.11 17.96 -22.43
C SER B 15 19.71 17.78 -20.99
N PRO B 16 20.51 18.26 -20.02
CA PRO B 16 20.11 18.19 -18.60
C PRO B 16 18.72 18.74 -18.33
N GLU B 17 18.37 19.87 -18.93
CA GLU B 17 17.04 20.44 -18.71
C GLU B 17 15.96 19.52 -19.28
N ASP B 18 16.28 18.77 -20.33
CA ASP B 18 15.34 17.83 -20.92
C ASP B 18 15.05 16.63 -20.02
N ILE B 19 16.00 16.26 -19.17
CA ILE B 19 15.88 15.03 -18.39
C ILE B 19 15.70 15.29 -16.91
N LYS B 20 16.07 16.46 -16.40
CA LYS B 20 15.41 16.98 -15.21
C LYS B 20 13.90 16.89 -15.40
N LYS B 21 13.43 17.24 -16.60
CA LYS B 21 12.00 17.27 -16.89
C LYS B 21 11.41 15.87 -16.90
N LEU B 22 12.08 14.93 -17.58
CA LEU B 22 11.53 13.57 -17.66
C LEU B 22 11.52 12.90 -16.31
N LEU B 23 12.47 13.21 -15.43
CA LEU B 23 12.39 12.64 -14.09
C LEU B 23 11.24 13.26 -13.30
N GLU B 24 10.93 14.53 -13.52
CA GLU B 24 9.80 15.09 -12.80
C GLU B 24 8.50 14.46 -13.26
N GLU B 25 8.36 14.23 -14.56
CA GLU B 25 7.15 13.58 -15.05
C GLU B 25 7.06 12.14 -14.55
N LEU B 26 8.18 11.46 -14.36
CA LEU B 26 8.13 10.12 -13.82
C LEU B 26 7.69 10.14 -12.37
N GLU B 27 8.28 11.03 -11.57
CA GLU B 27 7.95 11.15 -10.15
C GLU B 27 6.49 11.51 -9.93
N THR B 28 5.93 12.34 -10.82
CA THR B 28 4.50 12.63 -10.80
C THR B 28 3.69 11.35 -10.98
N LYS B 29 4.08 10.52 -11.95
CA LYS B 29 3.39 9.27 -12.18
C LYS B 29 3.50 8.35 -10.96
N LYS B 30 4.69 8.30 -10.35
CA LYS B 30 4.88 7.45 -9.19
C LYS B 30 3.89 7.83 -8.09
N THR B 31 3.68 9.12 -7.86
CA THR B 31 2.79 9.54 -6.78
C THR B 31 1.38 9.03 -7.01
N THR B 32 0.79 9.39 -8.14
CA THR B 32 -0.61 9.05 -8.41
C THR B 32 -0.86 7.55 -8.50
N ILE B 33 0.14 6.75 -8.82
CA ILE B 33 -0.08 5.30 -8.96
C ILE B 33 0.13 4.60 -7.62
N GLU B 34 1.08 5.07 -6.80
CA GLU B 34 1.19 4.52 -5.46
C GLU B 34 -0.09 4.77 -4.70
N GLU B 35 -0.68 5.95 -4.91
CA GLU B 35 -1.95 6.30 -4.31
C GLU B 35 -3.04 5.33 -4.72
N GLU B 36 -3.20 5.10 -6.01
CA GLU B 36 -4.23 4.19 -6.49
C GLU B 36 -3.98 2.75 -6.01
N ARG B 37 -2.71 2.31 -6.04
CA ARG B 37 -2.33 1.01 -5.49
C ARG B 37 -2.75 0.89 -4.03
N ASN B 38 -2.37 1.88 -3.23
CA ASN B 38 -2.72 1.89 -1.82
C ASN B 38 -4.23 1.78 -1.63
N GLU B 39 -5.01 2.45 -2.47
CA GLU B 39 -6.46 2.43 -2.34
C GLU B 39 -7.04 1.07 -2.73
N ILE B 40 -6.62 0.53 -3.87
CA ILE B 40 -7.02 -0.83 -4.24
C ILE B 40 -6.64 -1.84 -3.16
N THR B 41 -5.40 -1.77 -2.66
CA THR B 41 -5.02 -2.64 -1.55
C THR B 41 -6.07 -2.62 -0.45
N GLN B 42 -6.68 -1.46 -0.16
CA GLN B 42 -7.67 -1.41 0.92
C GLN B 42 -9.00 -1.97 0.47
N ARG B 43 -9.43 -1.67 -0.75
CA ARG B 43 -10.69 -2.21 -1.22
C ARG B 43 -10.61 -3.72 -1.41
N ILE B 44 -9.44 -4.25 -1.75
CA ILE B 44 -9.29 -5.70 -1.84
C ILE B 44 -9.52 -6.33 -0.48
N GLY B 45 -9.06 -5.67 0.56
CA GLY B 45 -9.31 -6.21 1.89
C GLY B 45 -10.78 -6.21 2.23
N GLU B 46 -11.49 -5.15 1.83
CA GLU B 46 -12.94 -5.08 2.03
C GLU B 46 -13.64 -6.25 1.35
N LEU B 47 -13.33 -6.49 0.08
CA LEU B 47 -13.96 -7.59 -0.62
C LEU B 47 -13.57 -8.93 -0.03
N LYS B 48 -12.30 -9.11 0.33
CA LYS B 48 -11.88 -10.39 0.89
C LYS B 48 -12.62 -10.70 2.18
N ASN B 49 -12.93 -9.68 2.97
CA ASN B 49 -13.68 -9.93 4.19
C ASN B 49 -15.16 -10.18 3.90
N LYS B 50 -15.77 -9.37 3.03
CA LYS B 50 -17.12 -9.62 2.56
C LYS B 50 -17.27 -11.07 2.10
N ILE B 51 -16.35 -11.53 1.26
CA ILE B 51 -16.47 -12.88 0.72
C ILE B 51 -16.25 -13.94 1.80
N GLY B 52 -15.37 -13.68 2.76
CA GLY B 52 -15.21 -14.62 3.84
C GLY B 52 -16.51 -14.83 4.59
N ASP B 53 -17.20 -13.73 4.91
CA ASP B 53 -18.46 -13.79 5.65
C ASP B 53 -19.54 -14.49 4.84
N LEU B 54 -19.62 -14.22 3.54
CA LEU B 54 -20.65 -14.84 2.71
C LEU B 54 -20.44 -16.35 2.63
N LYS B 55 -19.20 -16.80 2.41
CA LYS B 55 -18.92 -18.22 2.50
C LYS B 55 -19.36 -18.76 3.87
N THR B 56 -18.89 -18.13 4.95
CA THR B 56 -19.25 -18.54 6.31
C THR B 56 -20.76 -18.53 6.56
N ALA B 57 -21.49 -17.62 5.93
CA ALA B 57 -22.93 -17.62 6.13
C ALA B 57 -23.65 -18.69 5.29
N ILE B 58 -23.13 -19.02 4.11
CA ILE B 58 -23.74 -20.06 3.28
C ILE B 58 -23.60 -21.41 3.96
N GLU B 59 -22.40 -21.72 4.47
CA GLU B 59 -22.21 -22.96 5.20
C GLU B 59 -22.98 -22.96 6.52
N GLU B 60 -23.33 -21.79 7.07
CA GLU B 60 -23.94 -21.77 8.39
C GLU B 60 -25.45 -22.00 8.37
N LEU B 61 -26.11 -21.93 7.22
CA LEU B 61 -27.49 -22.38 7.14
C LEU B 61 -27.61 -23.80 6.57
N LYS B 62 -26.68 -24.20 5.69
CA LYS B 62 -26.58 -25.60 5.27
C LYS B 62 -26.41 -26.53 6.48
N LYS B 63 -25.74 -26.05 7.53
CA LYS B 63 -25.61 -26.77 8.79
C LYS B 63 -26.83 -26.53 9.68
N CYS B 71 -30.47 -15.92 15.63
CA CYS B 71 -30.88 -17.28 15.35
C CYS B 71 -30.05 -17.87 14.20
N GLY B 72 -30.69 -18.00 13.05
CA GLY B 72 -30.14 -18.86 12.01
C GLY B 72 -30.60 -20.29 12.18
N ARG B 73 -31.86 -20.50 12.59
CA ARG B 73 -32.44 -21.83 12.70
C ARG B 73 -32.95 -22.26 11.32
N GLU B 74 -33.75 -23.31 11.23
CA GLU B 74 -33.97 -23.93 9.93
C GLU B 74 -35.20 -23.38 9.19
N LEU B 75 -36.24 -22.93 9.91
CA LEU B 75 -37.58 -22.59 9.39
C LEU B 75 -37.91 -23.05 7.97
N THR B 76 -38.53 -22.13 7.20
CA THR B 76 -39.03 -22.44 5.87
C THR B 76 -37.89 -22.92 4.97
N ASP B 77 -38.15 -23.98 4.19
CA ASP B 77 -37.17 -24.51 3.26
C ASP B 77 -37.55 -24.26 1.81
N GLU B 78 -38.52 -23.38 1.56
CA GLU B 78 -38.85 -22.96 0.20
C GLU B 78 -38.77 -21.45 0.00
N HIS B 79 -38.24 -20.69 0.98
CA HIS B 79 -37.61 -19.40 0.66
C HIS B 79 -36.17 -19.36 1.11
N ARG B 80 -35.71 -20.33 1.91
CA ARG B 80 -34.33 -20.43 2.34
C ARG B 80 -33.46 -21.16 1.32
N GLU B 81 -33.97 -21.39 0.11
CA GLU B 81 -33.15 -21.85 -1.00
C GLU B 81 -33.05 -20.81 -2.09
N GLU B 82 -33.90 -19.78 -2.07
CA GLU B 82 -33.63 -18.58 -2.84
C GLU B 82 -32.71 -17.63 -2.08
N LEU B 83 -32.57 -17.80 -0.76
CA LEU B 83 -31.55 -17.06 -0.02
C LEU B 83 -30.17 -17.67 -0.16
N LEU B 84 -30.07 -18.90 -0.66
CA LEU B 84 -28.78 -19.39 -1.11
C LEU B 84 -28.44 -18.90 -2.51
N SER B 85 -29.44 -18.74 -3.38
CA SER B 85 -29.15 -18.16 -4.69
C SER B 85 -29.01 -16.65 -4.65
N LYS B 86 -29.35 -15.99 -3.54
CA LYS B 86 -28.97 -14.58 -3.38
C LYS B 86 -27.67 -14.43 -2.64
N TYR B 87 -27.30 -15.39 -1.80
CA TYR B 87 -25.94 -15.41 -1.29
C TYR B 87 -24.96 -15.72 -2.40
N HIS B 88 -25.17 -16.83 -3.12
CA HIS B 88 -24.35 -17.14 -4.29
C HIS B 88 -24.24 -15.94 -5.23
N LEU B 89 -25.35 -15.26 -5.48
CA LEU B 89 -25.33 -14.11 -6.38
C LEU B 89 -24.46 -13.00 -5.80
N ASP B 90 -24.61 -12.73 -4.51
CA ASP B 90 -23.80 -11.71 -3.87
C ASP B 90 -22.35 -12.19 -3.77
N LEU B 91 -22.16 -13.51 -3.66
CA LEU B 91 -20.82 -14.10 -3.61
C LEU B 91 -20.12 -14.02 -4.96
N ASN B 92 -20.75 -14.49 -6.04
CA ASN B 92 -20.07 -14.44 -7.32
C ASN B 92 -19.77 -13.00 -7.74
N ASN B 93 -20.75 -12.11 -7.56
CA ASN B 93 -20.53 -10.71 -7.92
C ASN B 93 -19.29 -10.15 -7.24
N SER B 94 -19.13 -10.43 -5.94
CA SER B 94 -17.96 -9.93 -5.22
C SER B 94 -16.68 -10.56 -5.76
N LYS B 95 -16.67 -11.89 -5.92
CA LYS B 95 -15.51 -12.56 -6.50
C LYS B 95 -15.14 -11.97 -7.85
N ASN B 96 -16.14 -11.61 -8.67
CA ASN B 96 -15.87 -10.94 -9.94
C ASN B 96 -15.21 -9.58 -9.73
N THR B 97 -15.75 -8.77 -8.81
CA THR B 97 -15.12 -7.49 -8.50
C THR B 97 -13.68 -7.68 -8.07
N LEU B 98 -13.46 -8.60 -7.11
CA LEU B 98 -12.15 -8.85 -6.51
C LEU B 98 -11.12 -9.21 -7.55
N ALA B 99 -11.49 -10.05 -8.52
CA ALA B 99 -10.52 -10.48 -9.51
C ALA B 99 -10.04 -9.30 -10.35
N LYS B 100 -10.95 -8.39 -10.70
CA LYS B 100 -10.55 -7.23 -11.48
C LYS B 100 -9.66 -6.30 -10.66
N LEU B 101 -9.93 -6.18 -9.36
CA LEU B 101 -9.06 -5.41 -8.47
C LEU B 101 -7.69 -6.08 -8.28
N ILE B 102 -7.65 -7.41 -8.08
CA ILE B 102 -6.34 -8.06 -7.96
C ILE B 102 -5.55 -7.87 -9.24
N ASP B 103 -6.21 -7.96 -10.39
CA ASP B 103 -5.50 -7.74 -11.65
C ASP B 103 -5.04 -6.29 -11.80
N ARG B 104 -5.90 -5.33 -11.45
CA ARG B 104 -5.46 -3.94 -11.55
C ARG B 104 -4.38 -3.60 -10.53
N LYS B 105 -4.34 -4.28 -9.38
CA LYS B 105 -3.24 -3.98 -8.46
C LYS B 105 -1.89 -4.37 -9.04
N SER B 106 -1.82 -5.44 -9.81
CA SER B 106 -0.51 -5.82 -10.30
C SER B 106 -0.13 -5.09 -11.58
N GLU B 107 -1.11 -4.64 -12.36
CA GLU B 107 -0.76 -3.71 -13.42
C GLU B 107 -0.18 -2.44 -12.85
N LEU B 108 -0.68 -1.97 -11.71
CA LEU B 108 -0.03 -0.83 -11.06
C LEU B 108 1.38 -1.17 -10.61
N GLU B 109 1.59 -2.33 -10.00
CA GLU B 109 2.95 -2.63 -9.57
C GLU B 109 3.90 -2.81 -10.75
N ARG B 110 3.37 -3.18 -11.91
CA ARG B 110 4.20 -3.28 -13.10
C ARG B 110 4.65 -1.89 -13.58
N GLU B 111 3.70 -0.99 -13.84
CA GLU B 111 4.05 0.42 -14.06
C GLU B 111 5.08 0.91 -13.04
N LEU B 112 4.81 0.72 -11.76
CA LEU B 112 5.72 1.24 -10.75
C LEU B 112 7.13 0.71 -10.96
N ARG B 113 7.23 -0.56 -11.34
CA ARG B 113 8.54 -1.17 -11.57
C ARG B 113 9.23 -0.52 -12.77
N ARG B 114 8.55 -0.52 -13.93
CA ARG B 114 8.97 0.27 -15.08
C ARG B 114 9.43 1.67 -14.69
N ILE B 115 8.55 2.43 -14.01
CA ILE B 115 8.93 3.77 -13.57
C ILE B 115 10.23 3.76 -12.78
N ASP B 116 10.35 2.90 -11.78
CA ASP B 116 11.54 2.94 -10.95
C ASP B 116 12.80 2.68 -11.75
N MET B 117 12.70 1.84 -12.81
CA MET B 117 13.85 1.56 -13.66
C MET B 117 14.28 2.80 -14.43
N GLU B 118 13.33 3.44 -15.14
CA GLU B 118 13.64 4.69 -15.83
C GLU B 118 14.39 5.66 -14.94
N ILE B 119 13.84 5.96 -13.75
CA ILE B 119 14.54 6.83 -12.80
C ILE B 119 15.93 6.28 -12.52
N LYS B 120 16.02 4.99 -12.17
CA LYS B 120 17.32 4.37 -11.90
C LYS B 120 18.26 4.46 -13.11
N ARG B 121 17.70 4.43 -14.33
CA ARG B 121 18.49 4.58 -15.52
C ARG B 121 18.86 6.03 -15.78
N LEU B 122 17.85 6.93 -15.81
CA LEU B 122 18.07 8.32 -16.16
C LEU B 122 18.78 9.13 -15.10
N THR B 123 19.06 8.61 -13.92
CA THR B 123 19.66 9.50 -12.95
C THR B 123 21.18 9.56 -13.10
N PRO B 124 21.87 8.46 -13.45
CA PRO B 124 23.25 8.64 -13.93
C PRO B 124 23.32 9.45 -15.21
N LEU B 125 22.47 9.17 -16.20
CA LEU B 125 22.42 9.99 -17.41
C LEU B 125 22.16 11.47 -17.14
N LEU B 126 21.72 11.81 -15.93
CA LEU B 126 21.64 13.21 -15.57
C LEU B 126 23.02 13.79 -15.33
N THR B 127 23.76 13.22 -14.36
CA THR B 127 25.10 13.73 -14.07
C THR B 127 26.01 13.70 -15.30
N VAL B 128 25.73 12.83 -16.27
CA VAL B 128 26.51 12.80 -17.51
C VAL B 128 26.11 13.95 -18.43
N ALA B 129 24.80 14.18 -18.59
CA ALA B 129 24.34 15.23 -19.50
C ALA B 129 24.79 16.60 -19.02
N GLU B 130 24.95 16.77 -17.71
CA GLU B 130 25.50 18.01 -17.16
C GLU B 130 27.02 17.98 -17.11
N GLN B 131 27.63 16.80 -16.97
CA GLN B 131 29.08 16.70 -17.13
C GLN B 131 29.52 17.10 -18.53
N ILE B 132 28.69 16.83 -19.54
CA ILE B 132 28.95 17.32 -20.88
C ILE B 132 28.77 18.83 -20.96
N ARG B 133 27.72 19.36 -20.34
CA ARG B 133 27.50 20.80 -20.42
C ARG B 133 28.59 21.57 -19.67
N SER B 134 29.12 20.99 -18.58
CA SER B 134 30.24 21.59 -17.86
C SER B 134 31.48 21.69 -18.75
N ILE B 135 31.69 20.70 -19.60
CA ILE B 135 32.80 20.73 -20.56
C ILE B 135 32.62 21.89 -21.53
N GLU B 136 31.46 21.96 -22.19
CA GLU B 136 31.16 23.03 -23.14
C GLU B 136 31.26 24.42 -22.53
N GLU B 137 31.17 24.53 -21.19
CA GLU B 137 31.36 25.80 -20.50
C GLU B 137 32.76 26.36 -20.67
N GLU B 138 33.73 25.50 -20.98
CA GLU B 138 35.13 25.89 -20.98
C GLU B 138 35.72 26.01 -22.38
N LEU B 139 35.14 25.33 -23.36
CA LEU B 139 35.31 25.73 -24.76
C LEU B 139 35.13 27.24 -24.91
N ASN B 140 33.95 27.74 -24.55
CA ASN B 140 33.51 29.08 -24.91
C ASN B 140 33.98 30.15 -23.92
#